data_6WK8
#
_entry.id   6WK8
#
_cell.length_a   141.819
_cell.length_b   50.507
_cell.length_c   108.575
_cell.angle_alpha   90.000
_cell.angle_beta   92.180
_cell.angle_gamma   90.000
#
_symmetry.space_group_name_H-M   'C 1 2 1'
#
loop_
_entity.id
_entity.type
_entity.pdbx_description
1 polymer 'Multidrug resistance protein, SMR family'
2 polymer 'L10 monobody'
3 non-polymer 1-phenylguanidine
4 non-polymer 'Dodecyldimethylphosphine oxide'
5 non-polymer DECYL-BETA-D-MALTOPYRANOSIDE
#
loop_
_entity_poly.entity_id
_entity_poly.type
_entity_poly.pdbx_seq_one_letter_code
_entity_poly.pdbx_strand_id
1 'polypeptide(L)'
;MAWLILIIAGIFEVVWAIALKYSNGFTRLIPSMITLIGMLISFYLLSQATKTLPIGTAYAIWTGIGALGAVICGIIFFKE
PLTALRIVFMILLLTGIIGLKATSS
;
B,A
2 'polypeptide(L)'
;VSSVPTKLEVVAATPTSLLISWDAGHWWEWVTYYRITYGETGGNSPVQEFTVPGYSSTATISGLKPGVDYTITVYAPTSD
YGSPISINYRT
;
C,D
#
# COMPACT_ATOMS: atom_id res chain seq x y z
N MET A 1 -13.01 18.18 10.12
CA MET A 1 -12.48 16.82 10.51
C MET A 1 -11.95 16.10 9.27
N ALA A 2 -12.82 15.92 8.27
CA ALA A 2 -12.47 15.49 6.90
C ALA A 2 -11.24 16.28 6.43
N TRP A 3 -11.18 17.59 6.72
CA TRP A 3 -10.07 18.49 6.33
C TRP A 3 -8.84 18.09 7.15
N LEU A 4 -8.99 17.91 8.45
CA LEU A 4 -7.89 17.51 9.37
C LEU A 4 -7.22 16.22 8.84
N ILE A 5 -8.03 15.22 8.47
CA ILE A 5 -7.56 13.92 7.90
C ILE A 5 -6.69 14.17 6.66
N LEU A 6 -7.14 15.06 5.77
CA LEU A 6 -6.42 15.42 4.51
C LEU A 6 -5.01 15.92 4.86
N ILE A 7 -4.89 16.76 5.90
CA ILE A 7 -3.60 17.40 6.28
C ILE A 7 -2.63 16.28 6.66
N ILE A 8 -3.12 15.32 7.43
CA ILE A 8 -2.32 14.17 7.92
C ILE A 8 -1.99 13.20 6.77
N ALA A 9 -2.93 12.97 5.85
CA ALA A 9 -2.72 12.23 4.57
C ALA A 9 -1.58 12.89 3.78
N GLY A 10 -1.64 14.22 3.62
CA GLY A 10 -0.59 15.01 2.95
C GLY A 10 0.72 14.88 3.71
N ILE A 11 0.65 14.91 5.04
CA ILE A 11 1.87 14.80 5.89
C ILE A 11 2.50 13.44 5.56
N PHE A 12 1.74 12.35 5.64
CA PHE A 12 2.26 10.99 5.36
C PHE A 12 2.64 10.84 3.90
N GLU A 13 2.14 11.72 3.05
CA GLU A 13 2.44 11.66 1.60
C GLU A 13 3.93 11.85 1.40
N VAL A 14 4.53 12.75 2.19
CA VAL A 14 5.94 13.21 2.04
C VAL A 14 6.84 12.27 2.84
N VAL A 15 6.35 11.77 3.97
CA VAL A 15 7.15 10.90 4.88
C VAL A 15 7.51 9.62 4.13
N TRP A 16 6.66 9.12 3.24
CA TRP A 16 6.94 7.90 2.43
C TRP A 16 7.76 8.33 1.21
N ALA A 17 7.51 9.52 0.71
CA ALA A 17 8.22 10.08 -0.46
C ALA A 17 9.71 10.12 -0.12
N ILE A 18 10.05 10.73 1.03
CA ILE A 18 11.47 10.92 1.48
C ILE A 18 12.04 9.59 2.00
N ALA A 19 11.21 8.74 2.61
CA ALA A 19 11.63 7.41 3.13
C ALA A 19 11.92 6.50 1.96
N LEU A 20 11.27 6.71 0.82
CA LEU A 20 11.45 5.85 -0.37
C LEU A 20 12.82 6.12 -1.01
N LYS A 21 13.29 7.36 -0.97
CA LYS A 21 14.67 7.65 -1.46
C LYS A 21 15.66 7.02 -0.46
N TYR A 22 15.36 7.01 0.84
CA TYR A 22 16.28 6.49 1.89
C TYR A 22 16.21 4.95 2.02
N SER A 23 15.15 4.32 1.50
CA SER A 23 15.22 2.90 1.08
C SER A 23 16.07 2.83 -0.19
N ASN A 24 16.76 1.72 -0.46
CA ASN A 24 17.45 1.53 -1.77
C ASN A 24 16.40 0.93 -2.70
N GLY A 25 16.71 -0.14 -3.44
CA GLY A 25 15.76 -0.74 -4.40
C GLY A 25 14.49 -1.25 -3.73
N PHE A 26 14.05 -0.61 -2.62
CA PHE A 26 13.06 -1.10 -1.62
C PHE A 26 13.67 -2.27 -0.84
N THR A 27 14.88 -2.04 -0.33
CA THR A 27 15.83 -3.09 0.12
C THR A 27 16.17 -2.85 1.59
N ARG A 28 16.38 -1.60 2.01
CA ARG A 28 16.59 -1.28 3.45
C ARG A 28 15.27 -1.47 4.19
N LEU A 29 15.30 -2.32 5.21
CA LEU A 29 14.09 -2.79 5.91
C LEU A 29 13.34 -1.58 6.44
N ILE A 30 14.01 -0.78 7.29
CA ILE A 30 13.34 0.26 8.13
C ILE A 30 12.74 1.34 7.24
N PRO A 31 13.48 1.89 6.24
CA PRO A 31 12.88 2.79 5.26
C PRO A 31 11.79 2.15 4.39
N SER A 32 11.95 0.89 4.01
CA SER A 32 10.94 0.14 3.23
C SER A 32 9.62 0.06 4.01
N MET A 33 9.68 -0.35 5.28
CA MET A 33 8.49 -0.42 6.16
C MET A 33 7.87 0.97 6.33
N ILE A 34 8.68 2.00 6.48
CA ILE A 34 8.16 3.38 6.68
C ILE A 34 7.41 3.80 5.43
N THR A 35 7.98 3.58 4.26
CA THR A 35 7.35 3.96 2.98
C THR A 35 6.03 3.20 2.89
N LEU A 36 6.08 1.90 3.16
CA LEU A 36 4.91 1.00 3.03
C LEU A 36 3.82 1.44 3.99
N ILE A 37 4.19 1.76 5.23
CA ILE A 37 3.25 2.21 6.29
C ILE A 37 2.72 3.61 5.95
N GLY A 38 3.58 4.51 5.47
CA GLY A 38 3.24 5.89 5.07
C GLY A 38 2.34 5.91 3.86
N MET A 39 2.43 4.94 2.96
CA MET A 39 1.54 4.89 1.79
C MET A 39 0.17 4.39 2.20
N LEU A 40 0.13 3.32 2.98
CA LEU A 40 -1.15 2.71 3.38
C LEU A 40 -1.91 3.71 4.23
N ILE A 41 -1.23 4.52 5.01
CA ILE A 41 -1.87 5.54 5.89
C ILE A 41 -2.34 6.67 4.97
N SER A 42 -1.45 7.17 4.11
CA SER A 42 -1.74 8.26 3.15
C SER A 42 -2.98 7.88 2.34
N PHE A 43 -2.96 6.76 1.60
CA PHE A 43 -4.12 6.34 0.77
C PHE A 43 -5.34 6.25 1.69
N TYR A 44 -5.26 5.49 2.77
CA TYR A 44 -6.43 5.20 3.63
C TYR A 44 -7.12 6.53 3.96
N LEU A 45 -6.40 7.42 4.65
CA LEU A 45 -6.89 8.74 5.14
C LEU A 45 -7.52 9.50 3.97
N LEU A 46 -6.87 9.49 2.81
CA LEU A 46 -7.36 10.14 1.58
C LEU A 46 -8.71 9.53 1.22
N SER A 47 -8.81 8.20 1.11
CA SER A 47 -10.04 7.46 0.71
C SER A 47 -11.19 7.83 1.64
N GLN A 48 -10.92 7.95 2.94
CA GLN A 48 -11.93 8.28 3.98
C GLN A 48 -12.32 9.76 3.83
N ALA A 49 -11.37 10.62 3.49
CA ALA A 49 -11.64 12.06 3.29
C ALA A 49 -12.55 12.25 2.07
N THR A 50 -12.32 11.52 1.00
CA THR A 50 -13.03 11.64 -0.31
C THR A 50 -14.53 11.30 -0.17
N LYS A 51 -14.95 10.71 0.96
CA LYS A 51 -16.37 10.35 1.22
C LYS A 51 -17.18 11.63 1.35
N THR A 52 -16.64 12.63 2.07
CA THR A 52 -17.36 13.85 2.47
C THR A 52 -16.88 15.08 1.69
N LEU A 53 -15.81 14.98 0.88
CA LEU A 53 -15.19 16.15 0.18
C LEU A 53 -15.10 15.91 -1.33
N PRO A 54 -15.26 16.97 -2.17
CA PRO A 54 -15.15 16.83 -3.62
C PRO A 54 -13.76 16.25 -3.96
N ILE A 55 -13.75 15.25 -4.84
CA ILE A 55 -12.49 14.60 -5.31
C ILE A 55 -11.52 15.70 -5.83
N GLY A 56 -12.01 16.68 -6.59
CA GLY A 56 -11.18 17.77 -7.15
C GLY A 56 -10.42 18.53 -6.08
N THR A 57 -11.10 18.89 -4.98
CA THR A 57 -10.56 19.66 -3.82
C THR A 57 -9.71 18.75 -2.92
N ALA A 58 -10.19 17.51 -2.70
CA ALA A 58 -9.49 16.47 -1.91
C ALA A 58 -8.12 16.17 -2.52
N TYR A 59 -8.08 15.87 -3.82
CA TYR A 59 -6.84 15.50 -4.54
C TYR A 59 -5.86 16.66 -4.43
N ALA A 60 -6.28 17.84 -4.93
CA ALA A 60 -5.42 19.02 -5.11
C ALA A 60 -4.81 19.41 -3.76
N ILE A 61 -5.61 19.37 -2.68
CA ILE A 61 -5.16 19.82 -1.33
C ILE A 61 -4.18 18.79 -0.78
N TRP A 62 -4.54 17.52 -0.90
CA TRP A 62 -3.68 16.36 -0.56
C TRP A 62 -2.31 16.54 -1.22
N THR A 63 -2.30 16.59 -2.56
CA THR A 63 -1.11 16.76 -3.42
C THR A 63 -0.33 17.97 -2.91
N GLY A 64 -1.03 19.12 -2.74
CA GLY A 64 -0.49 20.40 -2.22
C GLY A 64 0.34 20.23 -0.97
N ILE A 65 -0.27 19.74 0.10
CA ILE A 65 0.40 19.53 1.42
C ILE A 65 1.64 18.65 1.26
N GLY A 66 1.55 17.60 0.44
CA GLY A 66 2.69 16.75 0.07
C GLY A 66 3.78 17.55 -0.63
N ALA A 67 3.43 18.33 -1.64
CA ALA A 67 4.37 19.23 -2.35
C ALA A 67 4.97 20.28 -1.39
N LEU A 68 4.16 20.79 -0.46
CA LEU A 68 4.57 21.85 0.50
C LEU A 68 5.50 21.27 1.58
N GLY A 69 5.06 20.24 2.30
CA GLY A 69 5.92 19.47 3.20
C GLY A 69 7.23 19.07 2.52
N ALA A 70 7.19 18.67 1.24
CA ALA A 70 8.35 18.20 0.45
C ALA A 70 9.42 19.31 0.38
N VAL A 71 8.99 20.53 0.16
CA VAL A 71 9.90 21.70 0.05
C VAL A 71 10.24 22.20 1.45
N ILE A 72 9.29 22.21 2.38
CA ILE A 72 9.57 22.66 3.78
C ILE A 72 10.66 21.76 4.35
N CYS A 73 10.57 20.45 4.07
CA CYS A 73 11.55 19.41 4.50
C CYS A 73 12.81 19.49 3.64
N GLY A 74 12.67 19.55 2.31
CA GLY A 74 13.78 19.79 1.36
C GLY A 74 14.68 20.94 1.79
N ILE A 75 14.10 22.12 2.07
CA ILE A 75 14.84 23.36 2.46
C ILE A 75 15.57 23.07 3.78
N ILE A 76 14.84 22.63 4.80
CA ILE A 76 15.32 22.56 6.21
C ILE A 76 16.35 21.42 6.33
N PHE A 77 15.97 20.18 5.97
CA PHE A 77 16.73 18.94 6.23
C PHE A 77 17.71 18.58 5.10
N PHE A 78 17.80 19.32 3.98
CA PHE A 78 18.71 19.00 2.85
C PHE A 78 19.40 20.25 2.27
N LYS A 79 19.39 21.39 2.98
CA LYS A 79 20.12 22.63 2.63
C LYS A 79 19.68 23.17 1.26
N GLU A 80 18.45 22.85 0.84
CA GLU A 80 17.90 23.07 -0.53
C GLU A 80 17.84 24.57 -0.82
N PRO A 81 18.10 25.01 -2.08
CA PRO A 81 18.04 26.43 -2.43
C PRO A 81 16.67 27.04 -2.15
N LEU A 82 16.62 28.08 -1.30
CA LEU A 82 15.38 28.84 -0.96
C LEU A 82 15.27 30.07 -1.87
N THR A 83 14.55 29.94 -2.98
CA THR A 83 14.36 31.03 -3.97
C THR A 83 13.17 31.90 -3.54
N ALA A 84 13.18 33.17 -3.99
CA ALA A 84 12.02 34.08 -3.95
C ALA A 84 10.89 33.48 -4.79
N LEU A 85 11.20 32.85 -5.92
CA LEU A 85 10.23 32.02 -6.69
C LEU A 85 9.63 30.92 -5.81
N ARG A 86 10.46 30.16 -5.09
CA ARG A 86 10.00 29.04 -4.23
C ARG A 86 9.08 29.60 -3.15
N ILE A 87 9.41 30.73 -2.54
CA ILE A 87 8.56 31.29 -1.43
C ILE A 87 7.17 31.67 -1.96
N VAL A 88 7.11 32.35 -3.10
CA VAL A 88 5.82 32.80 -3.71
C VAL A 88 5.00 31.58 -4.16
N PHE A 89 5.64 30.51 -4.61
CA PHE A 89 4.94 29.25 -4.95
C PHE A 89 4.36 28.62 -3.68
N MET A 90 5.07 28.66 -2.54
CA MET A 90 4.57 28.19 -1.22
C MET A 90 3.45 29.11 -0.74
N ILE A 91 3.50 30.39 -1.07
CA ILE A 91 2.39 31.32 -0.69
C ILE A 91 1.13 31.07 -1.51
N LEU A 92 1.25 30.93 -2.84
CA LEU A 92 0.11 30.58 -3.74
C LEU A 92 -0.52 29.27 -3.28
N LEU A 93 0.32 28.29 -2.96
CA LEU A 93 -0.13 26.97 -2.47
C LEU A 93 -0.95 27.21 -1.20
N LEU A 94 -0.38 27.92 -0.22
CA LEU A 94 -1.07 28.09 1.08
C LEU A 94 -2.38 28.83 0.84
N THR A 95 -2.34 29.93 0.08
CA THR A 95 -3.54 30.72 -0.29
C THR A 95 -4.57 29.83 -0.98
N GLY A 96 -4.10 28.91 -1.83
CA GLY A 96 -4.97 27.96 -2.54
C GLY A 96 -5.68 27.09 -1.53
N ILE A 97 -4.94 26.53 -0.57
CA ILE A 97 -5.44 25.52 0.40
C ILE A 97 -6.38 26.21 1.38
N ILE A 98 -5.89 27.21 2.09
CA ILE A 98 -6.69 28.04 3.03
C ILE A 98 -7.97 28.47 2.32
N GLY A 99 -7.83 29.13 1.18
CA GLY A 99 -8.93 29.57 0.31
C GLY A 99 -10.02 28.52 0.12
N LEU A 100 -9.64 27.30 -0.25
CA LEU A 100 -10.62 26.25 -0.58
C LEU A 100 -11.37 25.84 0.69
N LYS A 101 -10.67 25.80 1.84
CA LYS A 101 -11.29 25.41 3.14
C LYS A 101 -12.34 26.44 3.53
N ALA A 102 -12.09 27.70 3.17
CA ALA A 102 -12.94 28.87 3.47
C ALA A 102 -14.23 28.89 2.64
N THR A 103 -14.29 28.19 1.51
CA THR A 103 -15.51 28.05 0.67
C THR A 103 -16.12 26.64 0.86
N SER A 104 -16.28 26.18 2.12
CA SER A 104 -16.89 24.87 2.47
C SER A 104 -18.40 25.05 2.73
N MET B 1 8.64 11.02 -27.03
CA MET B 1 7.67 9.93 -26.77
C MET B 1 7.39 9.81 -25.27
N ALA B 2 8.43 9.76 -24.43
CA ALA B 2 8.36 9.68 -22.94
C ALA B 2 7.43 10.80 -22.42
N TRP B 3 7.31 11.93 -23.13
CA TRP B 3 6.38 13.04 -22.82
C TRP B 3 4.94 12.52 -22.82
N LEU B 4 4.55 11.77 -23.86
CA LEU B 4 3.16 11.28 -24.02
C LEU B 4 2.80 10.28 -22.92
N ILE B 5 3.70 9.36 -22.59
CA ILE B 5 3.46 8.37 -21.50
C ILE B 5 3.48 9.09 -20.15
N LEU B 6 4.07 10.30 -20.10
CA LEU B 6 3.98 11.24 -18.95
C LEU B 6 2.59 11.86 -18.93
N ILE B 7 2.08 12.28 -20.08
CA ILE B 7 0.66 12.74 -20.22
C ILE B 7 -0.25 11.63 -19.68
N ILE B 8 -0.02 10.39 -20.15
CA ILE B 8 -0.92 9.23 -19.85
C ILE B 8 -0.74 8.85 -18.37
N ALA B 9 0.50 8.76 -17.86
CA ALA B 9 0.78 8.68 -16.40
C ALA B 9 -0.13 9.69 -15.66
N GLY B 10 -0.29 10.89 -16.22
CA GLY B 10 -1.10 11.99 -15.65
C GLY B 10 -2.59 11.78 -15.81
N ILE B 11 -3.06 11.20 -16.92
CA ILE B 11 -4.50 10.87 -17.14
C ILE B 11 -4.95 9.78 -16.13
N PHE B 12 -4.17 8.72 -15.98
CA PHE B 12 -4.41 7.57 -15.06
C PHE B 12 -4.37 8.05 -13.61
N GLU B 13 -3.72 9.19 -13.38
CA GLU B 13 -3.68 9.84 -12.05
C GLU B 13 -5.11 10.29 -11.72
N VAL B 14 -5.80 10.86 -12.71
CA VAL B 14 -7.22 11.34 -12.60
C VAL B 14 -8.15 10.14 -12.53
N VAL B 15 -7.81 9.07 -13.26
CA VAL B 15 -8.65 7.84 -13.34
C VAL B 15 -8.84 7.30 -11.92
N TRP B 16 -7.76 6.97 -11.22
CA TRP B 16 -7.85 6.44 -9.84
C TRP B 16 -8.43 7.50 -8.91
N ALA B 17 -8.19 8.77 -9.20
CA ALA B 17 -8.79 9.89 -8.42
C ALA B 17 -10.33 9.76 -8.43
N ILE B 18 -10.94 9.68 -9.63
CA ILE B 18 -12.42 9.51 -9.80
C ILE B 18 -12.89 8.12 -9.33
N ALA B 19 -12.13 7.07 -9.65
CA ALA B 19 -12.47 5.71 -9.23
C ALA B 19 -12.49 5.66 -7.71
N LEU B 20 -11.64 6.45 -7.03
CA LEU B 20 -11.54 6.39 -5.54
C LEU B 20 -12.78 7.07 -4.98
N LYS B 21 -13.25 8.11 -5.63
CA LYS B 21 -14.45 8.82 -5.15
C LYS B 21 -15.61 7.83 -5.20
N TYR B 22 -15.76 7.12 -6.34
CA TYR B 22 -16.80 6.11 -6.63
C TYR B 22 -16.77 4.93 -5.64
N SER B 23 -15.62 4.65 -4.98
CA SER B 23 -15.43 3.48 -4.08
C SER B 23 -16.02 3.74 -2.69
N ASN B 24 -16.34 4.98 -2.30
CA ASN B 24 -17.06 5.32 -1.04
C ASN B 24 -16.27 4.82 0.16
N GLY B 25 -15.03 5.28 0.30
CA GLY B 25 -14.13 4.94 1.42
C GLY B 25 -13.51 3.57 1.21
N PHE B 26 -13.48 3.13 -0.07
CA PHE B 26 -12.72 1.95 -0.55
C PHE B 26 -13.48 0.65 -0.15
N THR B 27 -14.79 0.67 -0.36
CA THR B 27 -15.79 -0.34 0.09
C THR B 27 -16.54 -0.94 -1.10
N ARG B 28 -16.64 -0.23 -2.23
CA ARG B 28 -17.24 -0.79 -3.47
C ARG B 28 -16.13 -1.40 -4.34
N LEU B 29 -16.12 -2.73 -4.45
CA LEU B 29 -15.27 -3.50 -5.39
C LEU B 29 -15.54 -2.99 -6.80
N ILE B 30 -14.48 -2.97 -7.61
CA ILE B 30 -14.42 -2.45 -9.01
C ILE B 30 -13.95 -1.00 -8.98
N PRO B 31 -14.68 -0.01 -8.41
CA PRO B 31 -14.14 1.34 -8.27
C PRO B 31 -12.89 1.29 -7.36
N SER B 32 -12.89 0.38 -6.39
CA SER B 32 -11.78 0.13 -5.46
C SER B 32 -10.61 -0.46 -6.26
N MET B 33 -10.91 -1.40 -7.13
CA MET B 33 -9.91 -2.14 -7.93
C MET B 33 -9.28 -1.19 -8.94
N ILE B 34 -10.11 -0.42 -9.63
CA ILE B 34 -9.68 0.57 -10.64
C ILE B 34 -8.72 1.54 -9.93
N THR B 35 -9.06 1.92 -8.71
CA THR B 35 -8.29 2.94 -7.96
C THR B 35 -6.87 2.40 -7.82
N LEU B 36 -6.73 1.17 -7.35
CA LEU B 36 -5.41 0.53 -7.09
C LEU B 36 -4.67 0.39 -8.41
N ILE B 37 -5.30 -0.23 -9.40
CA ILE B 37 -4.58 -0.63 -10.64
C ILE B 37 -4.19 0.65 -11.39
N GLY B 38 -5.11 1.61 -11.47
CA GLY B 38 -4.92 2.89 -12.17
C GLY B 38 -3.87 3.75 -11.50
N MET B 39 -3.54 3.44 -10.26
CA MET B 39 -2.43 4.05 -9.50
C MET B 39 -1.11 3.51 -10.03
N LEU B 40 -0.82 2.21 -9.91
CA LEU B 40 0.53 1.70 -10.26
C LEU B 40 0.77 1.78 -11.77
N ILE B 41 -0.28 1.91 -12.59
CA ILE B 41 -0.14 2.34 -14.03
C ILE B 41 0.47 3.74 -14.08
N SER B 42 -0.13 4.68 -13.36
CA SER B 42 0.31 6.10 -13.32
C SER B 42 1.79 6.12 -12.91
N PHE B 43 2.10 5.52 -11.75
CA PHE B 43 3.47 5.50 -11.17
C PHE B 43 4.42 4.81 -12.15
N TYR B 44 4.06 3.63 -12.66
CA TYR B 44 4.94 2.94 -13.63
C TYR B 44 5.15 3.88 -14.83
N LEU B 45 4.08 4.26 -15.53
CA LEU B 45 4.11 5.15 -16.72
C LEU B 45 5.06 6.34 -16.47
N LEU B 46 4.91 6.97 -15.30
CA LEU B 46 5.83 8.03 -14.79
C LEU B 46 7.28 7.53 -14.83
N SER B 47 7.69 6.63 -13.93
CA SER B 47 9.10 6.16 -13.75
C SER B 47 9.80 5.94 -15.11
N GLN B 48 9.05 5.61 -16.16
CA GLN B 48 9.55 5.42 -17.55
C GLN B 48 9.68 6.78 -18.25
N ALA B 49 8.65 7.62 -18.15
CA ALA B 49 8.60 8.99 -18.72
C ALA B 49 9.70 9.86 -18.10
N THR B 50 10.01 9.58 -16.83
CA THR B 50 10.95 10.31 -15.96
C THR B 50 12.37 9.85 -16.28
N LYS B 51 12.50 8.56 -16.64
CA LYS B 51 13.78 7.96 -17.10
C LYS B 51 14.43 8.92 -18.11
N THR B 52 13.68 9.34 -19.12
CA THR B 52 14.13 10.25 -20.22
C THR B 52 14.14 11.71 -19.75
N LEU B 53 13.03 12.17 -19.17
CA LEU B 53 12.70 13.60 -18.99
C LEU B 53 13.27 14.13 -17.67
N PRO B 54 13.30 15.47 -17.49
CA PRO B 54 13.68 16.04 -16.20
C PRO B 54 12.59 15.67 -15.17
N ILE B 55 13.04 15.18 -14.01
CA ILE B 55 12.18 14.84 -12.83
C ILE B 55 11.25 16.03 -12.51
N GLY B 56 11.73 17.28 -12.67
CA GLY B 56 10.99 18.49 -12.30
C GLY B 56 9.81 18.73 -13.21
N THR B 57 10.08 18.80 -14.52
CA THR B 57 9.07 19.01 -15.59
C THR B 57 8.19 17.77 -15.70
N ALA B 58 8.73 16.57 -15.42
CA ALA B 58 7.92 15.32 -15.39
C ALA B 58 6.80 15.50 -14.35
N TYR B 59 7.15 15.57 -13.06
CA TYR B 59 6.20 15.61 -11.93
C TYR B 59 5.26 16.81 -12.09
N ALA B 60 5.80 17.97 -12.46
CA ALA B 60 5.04 19.23 -12.64
C ALA B 60 3.82 18.97 -13.54
N ILE B 61 4.02 18.33 -14.68
CA ILE B 61 2.95 18.03 -15.69
C ILE B 61 2.17 16.79 -15.24
N TRP B 62 2.83 15.81 -14.65
CA TRP B 62 2.15 14.61 -14.10
C TRP B 62 1.05 15.06 -13.15
N THR B 63 1.41 15.75 -12.07
CA THR B 63 0.49 16.14 -10.96
C THR B 63 -0.42 17.27 -11.45
N GLY B 64 0.06 18.12 -12.34
CA GLY B 64 -0.79 19.16 -12.94
C GLY B 64 -2.05 18.57 -13.55
N ILE B 65 -1.88 17.62 -14.48
CA ILE B 65 -3.00 16.92 -15.17
C ILE B 65 -3.79 16.11 -14.12
N GLY B 66 -3.10 15.45 -13.19
CA GLY B 66 -3.72 14.78 -12.03
C GLY B 66 -4.67 15.71 -11.33
N ALA B 67 -4.20 16.86 -10.87
CA ALA B 67 -4.94 17.76 -9.96
C ALA B 67 -6.08 18.46 -10.72
N LEU B 68 -5.83 18.88 -11.96
CA LEU B 68 -6.83 19.59 -12.81
C LEU B 68 -7.89 18.61 -13.31
N GLY B 69 -7.47 17.46 -13.83
CA GLY B 69 -8.38 16.34 -14.20
C GLY B 69 -9.36 15.99 -13.10
N ALA B 70 -8.91 15.92 -11.85
CA ALA B 70 -9.74 15.61 -10.66
C ALA B 70 -10.77 16.72 -10.49
N VAL B 71 -10.32 17.96 -10.57
CA VAL B 71 -11.15 19.19 -10.34
C VAL B 71 -12.25 19.22 -11.40
N ILE B 72 -11.86 18.96 -12.65
CA ILE B 72 -12.74 19.01 -13.85
C ILE B 72 -13.71 17.83 -13.82
N CYS B 73 -13.19 16.59 -13.85
CA CYS B 73 -14.05 15.38 -13.82
C CYS B 73 -14.97 15.40 -12.59
N GLY B 74 -14.59 16.13 -11.53
CA GLY B 74 -15.36 16.25 -10.29
C GLY B 74 -16.61 17.08 -10.50
N ILE B 75 -16.44 18.33 -10.91
CA ILE B 75 -17.59 19.26 -11.17
C ILE B 75 -18.53 18.62 -12.21
N ILE B 76 -17.98 17.75 -13.07
CA ILE B 76 -18.74 17.04 -14.13
C ILE B 76 -19.48 15.83 -13.51
N PHE B 77 -18.75 14.78 -13.12
CA PHE B 77 -19.36 13.47 -12.71
C PHE B 77 -20.12 13.63 -11.39
N PHE B 78 -19.47 14.18 -10.36
CA PHE B 78 -20.05 14.36 -9.01
C PHE B 78 -20.63 15.76 -8.84
N LYS B 79 -20.94 16.45 -9.95
CA LYS B 79 -21.67 17.75 -9.95
C LYS B 79 -21.17 18.53 -8.74
N GLU B 80 -19.86 18.51 -8.54
CA GLU B 80 -19.13 19.30 -7.51
C GLU B 80 -19.22 20.78 -7.87
N PRO B 81 -19.11 21.68 -6.88
CA PRO B 81 -19.36 23.12 -7.09
C PRO B 81 -18.57 23.75 -8.25
N LEU B 82 -19.01 24.93 -8.72
CA LEU B 82 -18.34 25.70 -9.80
C LEU B 82 -18.33 27.20 -9.44
N THR B 83 -18.07 27.52 -8.17
CA THR B 83 -18.06 28.91 -7.64
C THR B 83 -16.94 29.69 -8.36
N ALA B 84 -17.19 30.98 -8.61
CA ALA B 84 -16.17 31.95 -9.06
C ALA B 84 -14.98 31.84 -8.11
N LEU B 85 -15.25 31.74 -6.81
CA LEU B 85 -14.21 31.69 -5.74
C LEU B 85 -13.43 30.37 -5.81
N ARG B 86 -14.13 29.24 -5.91
CA ARG B 86 -13.51 27.89 -5.83
C ARG B 86 -12.56 27.71 -7.01
N ILE B 87 -13.02 28.00 -8.24
CA ILE B 87 -12.19 27.97 -9.50
C ILE B 87 -10.91 28.84 -9.32
N VAL B 88 -10.97 29.94 -8.58
CA VAL B 88 -9.81 30.84 -8.27
C VAL B 88 -8.85 30.18 -7.28
N PHE B 89 -9.27 29.80 -6.10
CA PHE B 89 -8.31 29.26 -5.10
C PHE B 89 -7.71 27.96 -5.61
N MET B 90 -8.44 27.26 -6.45
CA MET B 90 -7.94 26.02 -7.10
C MET B 90 -6.79 26.40 -8.04
N ILE B 91 -6.99 27.43 -8.85
CA ILE B 91 -5.92 27.99 -9.72
C ILE B 91 -4.67 28.37 -8.90
N LEU B 92 -4.78 29.08 -7.75
CA LEU B 92 -3.61 29.46 -6.89
C LEU B 92 -2.98 28.17 -6.32
N LEU B 93 -3.79 27.16 -5.98
CA LEU B 93 -3.26 25.94 -5.37
C LEU B 93 -2.47 25.14 -6.42
N LEU B 94 -3.02 25.01 -7.63
CA LEU B 94 -2.42 24.15 -8.70
C LEU B 94 -1.13 24.79 -9.22
N THR B 95 -1.04 26.12 -9.22
CA THR B 95 0.14 26.88 -9.69
C THR B 95 1.24 26.82 -8.64
N GLY B 96 0.89 27.02 -7.36
CA GLY B 96 1.78 26.73 -6.22
C GLY B 96 2.30 25.29 -6.30
N ILE B 97 1.41 24.33 -6.51
CA ILE B 97 1.84 22.91 -6.67
C ILE B 97 2.81 22.81 -7.84
N ILE B 98 2.32 23.04 -9.06
CA ILE B 98 3.09 23.01 -10.33
C ILE B 98 4.41 23.76 -10.11
N GLY B 99 4.33 24.92 -9.46
CA GLY B 99 5.47 25.82 -9.20
C GLY B 99 6.56 25.12 -8.41
N LEU B 100 6.24 24.62 -7.22
CA LEU B 100 7.24 24.09 -6.26
C LEU B 100 7.92 22.86 -6.83
N LYS B 101 7.17 22.09 -7.64
CA LYS B 101 7.60 20.79 -8.25
C LYS B 101 8.52 21.08 -9.44
N ALA B 102 8.30 22.23 -10.09
CA ALA B 102 9.07 22.71 -11.26
C ALA B 102 10.36 23.38 -10.81
N THR B 103 10.52 23.66 -9.51
CA THR B 103 11.73 24.30 -8.91
C THR B 103 12.69 23.18 -8.50
N SER B 104 12.17 22.11 -7.90
CA SER B 104 12.96 20.94 -7.42
C SER B 104 13.50 20.15 -8.61
N SER C 2 33.08 -6.52 4.23
CA SER C 2 31.76 -6.00 3.76
C SER C 2 31.13 -5.12 4.85
N SER C 3 29.82 -4.84 4.78
CA SER C 3 29.02 -4.17 5.84
C SER C 3 28.04 -5.18 6.44
N VAL C 4 27.15 -5.74 5.62
CA VAL C 4 26.18 -6.80 6.03
C VAL C 4 26.10 -7.89 4.96
N PRO C 5 25.72 -9.13 5.35
CA PRO C 5 25.61 -9.52 6.76
C PRO C 5 26.99 -9.81 7.39
N THR C 6 27.03 -9.92 8.71
CA THR C 6 28.25 -10.08 9.56
C THR C 6 28.17 -11.42 10.29
N LYS C 7 29.33 -12.03 10.59
CA LYS C 7 29.50 -13.06 11.65
C LYS C 7 28.63 -14.28 11.35
N LEU C 8 28.71 -14.81 10.13
CA LEU C 8 27.94 -16.01 9.73
C LEU C 8 28.56 -17.22 10.43
N GLU C 9 27.82 -17.83 11.36
CA GLU C 9 28.26 -19.03 12.11
C GLU C 9 27.13 -20.04 12.16
N VAL C 10 27.48 -21.31 12.38
CA VAL C 10 26.52 -22.40 12.68
C VAL C 10 26.32 -22.42 14.20
N VAL C 11 25.11 -22.07 14.64
CA VAL C 11 24.73 -22.03 16.09
C VAL C 11 24.66 -23.48 16.61
N ALA C 12 23.78 -24.27 15.99
CA ALA C 12 23.66 -25.73 16.24
C ALA C 12 23.81 -26.46 14.90
N ALA C 13 24.13 -27.74 14.95
CA ALA C 13 24.32 -28.58 13.76
C ALA C 13 23.86 -29.99 14.11
N THR C 14 23.55 -30.76 13.07
CA THR C 14 23.08 -32.16 13.10
C THR C 14 23.60 -32.77 11.80
N PRO C 15 23.99 -34.06 11.78
CA PRO C 15 24.39 -34.73 10.54
C PRO C 15 23.62 -34.33 9.27
N THR C 16 22.32 -34.01 9.38
CA THR C 16 21.41 -33.67 8.26
C THR C 16 21.09 -32.17 8.19
N SER C 17 21.20 -31.41 9.29
CA SER C 17 20.65 -30.03 9.38
C SER C 17 21.66 -29.13 10.07
N LEU C 18 21.78 -27.89 9.62
CA LEU C 18 22.62 -26.84 10.26
C LEU C 18 21.72 -25.66 10.61
N LEU C 19 21.86 -25.11 11.80
CA LEU C 19 21.17 -23.85 12.19
C LEU C 19 22.19 -22.72 12.16
N ILE C 20 22.05 -21.78 11.22
CA ILE C 20 23.05 -20.68 11.00
C ILE C 20 22.49 -19.35 11.53
N SER C 21 23.36 -18.43 11.92
CA SER C 21 22.96 -17.07 12.37
C SER C 21 24.00 -16.01 11.94
N TRP C 22 23.57 -14.75 11.89
CA TRP C 22 24.38 -13.60 11.42
C TRP C 22 23.98 -12.37 12.22
N ASP C 23 24.80 -11.32 12.16
CA ASP C 23 24.51 -9.99 12.75
C ASP C 23 23.97 -9.11 11.62
N ALA C 24 22.64 -9.02 11.49
CA ALA C 24 21.93 -8.14 10.54
C ALA C 24 22.61 -6.75 10.51
N GLY C 25 23.19 -6.31 11.63
CA GLY C 25 23.87 -5.01 11.75
C GLY C 25 23.01 -4.02 12.53
N HIS C 26 23.18 -2.72 12.28
CA HIS C 26 22.38 -1.63 12.91
C HIS C 26 21.04 -1.50 12.19
N TRP C 27 20.08 -0.82 12.81
CA TRP C 27 18.70 -0.73 12.30
C TRP C 27 18.73 -0.21 10.85
N TRP C 28 19.60 0.77 10.58
CA TRP C 28 19.67 1.45 9.25
C TRP C 28 20.30 0.51 8.22
N GLU C 29 20.96 -0.56 8.68
CA GLU C 29 21.62 -1.57 7.81
C GLU C 29 20.70 -2.78 7.57
N TRP C 30 19.71 -3.00 8.44
CA TRP C 30 18.66 -4.04 8.27
C TRP C 30 18.06 -3.92 6.88
N VAL C 31 18.07 -5.04 6.15
CA VAL C 31 17.56 -5.18 4.76
C VAL C 31 16.25 -5.94 4.81
N THR C 32 15.51 -5.90 3.70
CA THR C 32 14.14 -6.44 3.59
C THR C 32 14.24 -7.96 3.57
N TYR C 33 15.33 -8.54 3.09
CA TYR C 33 15.47 -10.01 3.09
C TYR C 33 16.92 -10.41 2.91
N TYR C 34 17.22 -11.67 3.25
CA TYR C 34 18.51 -12.34 2.95
C TYR C 34 18.22 -13.54 2.07
N ARG C 35 19.03 -13.78 1.04
CA ARG C 35 18.91 -15.02 0.21
C ARG C 35 20.10 -15.89 0.60
N ILE C 36 19.83 -17.16 0.87
CA ILE C 36 20.78 -18.12 1.52
C ILE C 36 20.95 -19.31 0.58
N THR C 37 22.22 -19.54 0.24
CA THR C 37 22.70 -20.57 -0.69
C THR C 37 23.45 -21.62 0.13
N TYR C 38 23.29 -22.89 -0.24
CA TYR C 38 24.05 -24.02 0.35
C TYR C 38 24.17 -25.15 -0.68
N GLY C 39 25.34 -25.78 -0.74
CA GLY C 39 25.61 -26.95 -1.60
C GLY C 39 26.93 -27.60 -1.21
N GLU C 40 27.11 -28.85 -1.62
CA GLU C 40 28.39 -29.59 -1.43
C GLU C 40 29.51 -28.66 -1.85
N THR C 41 30.49 -28.45 -0.99
CA THR C 41 31.61 -27.48 -1.19
C THR C 41 32.35 -27.81 -2.50
N GLY C 42 31.91 -28.82 -3.26
CA GLY C 42 32.49 -29.22 -4.56
C GLY C 42 31.59 -28.87 -5.75
N GLY C 43 30.33 -29.29 -5.71
CA GLY C 43 29.27 -28.91 -6.68
C GLY C 43 29.03 -30.01 -7.70
N ASN C 44 28.44 -31.12 -7.26
CA ASN C 44 28.17 -32.36 -8.05
C ASN C 44 27.16 -32.04 -9.18
N SER C 45 26.27 -31.06 -8.98
CA SER C 45 25.40 -30.46 -10.04
C SER C 45 25.15 -28.97 -9.73
N PRO C 46 24.10 -28.54 -8.98
CA PRO C 46 23.88 -27.11 -8.75
C PRO C 46 24.32 -26.68 -7.34
N VAL C 47 23.59 -25.70 -6.77
CA VAL C 47 23.48 -25.44 -5.31
C VAL C 47 21.99 -25.41 -4.95
N GLN C 48 21.67 -25.33 -3.66
CA GLN C 48 20.29 -25.18 -3.12
C GLN C 48 20.19 -23.77 -2.56
N GLU C 49 19.02 -23.14 -2.66
CA GLU C 49 18.83 -21.70 -2.33
C GLU C 49 17.46 -21.50 -1.70
N PHE C 50 17.37 -20.55 -0.77
CA PHE C 50 16.10 -20.01 -0.23
C PHE C 50 16.35 -18.59 0.26
N THR C 51 15.28 -17.82 0.49
CA THR C 51 15.34 -16.45 1.07
C THR C 51 14.69 -16.44 2.46
N VAL C 52 15.03 -15.44 3.25
CA VAL C 52 14.55 -15.25 4.65
C VAL C 52 14.21 -13.77 4.83
N PRO C 53 13.08 -13.43 5.50
CA PRO C 53 12.74 -12.04 5.77
C PRO C 53 13.90 -11.38 6.50
N GLY C 54 14.13 -10.13 6.16
CA GLY C 54 15.30 -9.34 6.55
C GLY C 54 15.30 -9.07 8.04
N TYR C 55 14.16 -9.28 8.70
CA TYR C 55 13.98 -9.11 10.16
C TYR C 55 14.44 -10.38 10.90
N SER C 56 14.91 -11.40 10.18
CA SER C 56 15.43 -12.67 10.78
C SER C 56 16.94 -12.76 10.65
N SER C 57 17.63 -13.10 11.75
CA SER C 57 19.12 -13.19 11.88
C SER C 57 19.57 -14.65 11.81
N THR C 58 18.63 -15.60 11.91
CA THR C 58 18.90 -17.06 11.89
C THR C 58 18.07 -17.73 10.80
N ALA C 59 18.57 -18.86 10.31
CA ALA C 59 17.91 -19.72 9.31
C ALA C 59 18.35 -21.17 9.56
N THR C 60 17.44 -22.13 9.37
CA THR C 60 17.79 -23.56 9.50
C THR C 60 17.92 -24.11 8.08
N ILE C 61 18.92 -24.95 7.85
CA ILE C 61 19.19 -25.68 6.58
C ILE C 61 19.05 -27.17 6.85
N SER C 62 18.08 -27.84 6.21
CA SER C 62 17.81 -29.27 6.46
C SER C 62 18.10 -30.09 5.18
N GLY C 63 18.11 -31.41 5.31
CA GLY C 63 18.15 -32.36 4.17
C GLY C 63 19.54 -32.54 3.60
N LEU C 64 20.58 -32.38 4.42
CA LEU C 64 22.00 -32.53 4.06
C LEU C 64 22.41 -34.00 4.17
N LYS C 65 23.47 -34.35 3.44
CA LYS C 65 24.11 -35.69 3.53
C LYS C 65 25.15 -35.59 4.64
N PRO C 66 25.01 -36.44 5.68
CA PRO C 66 26.00 -36.48 6.76
C PRO C 66 27.40 -36.74 6.20
N GLY C 67 28.41 -36.25 6.92
CA GLY C 67 29.84 -36.47 6.64
C GLY C 67 30.37 -35.51 5.59
N VAL C 68 29.48 -34.85 4.83
CA VAL C 68 29.85 -33.99 3.67
C VAL C 68 30.13 -32.56 4.14
N ASP C 69 31.23 -31.97 3.65
CA ASP C 69 31.58 -30.53 3.82
C ASP C 69 30.71 -29.75 2.84
N TYR C 70 30.05 -28.69 3.33
CA TYR C 70 29.16 -27.78 2.55
C TYR C 70 29.75 -26.38 2.55
N THR C 71 29.31 -25.54 1.61
CA THR C 71 29.50 -24.07 1.67
C THR C 71 28.12 -23.41 1.80
N ILE C 72 28.01 -22.42 2.69
CA ILE C 72 26.73 -21.73 3.02
C ILE C 72 26.98 -20.23 2.89
N THR C 73 26.24 -19.58 1.98
CA THR C 73 26.42 -18.15 1.63
C THR C 73 25.13 -17.39 1.93
N VAL C 74 25.25 -16.28 2.65
CA VAL C 74 24.15 -15.33 2.96
C VAL C 74 24.39 -14.10 2.10
N TYR C 75 23.45 -13.73 1.23
CA TYR C 75 23.50 -12.48 0.43
C TYR C 75 22.52 -11.43 1.02
N ALA C 76 22.77 -10.15 0.72
CA ALA C 76 21.83 -9.03 0.90
C ALA C 76 20.90 -8.98 -0.32
N PRO C 77 19.86 -8.11 -0.33
CA PRO C 77 19.10 -7.88 -1.56
C PRO C 77 20.04 -7.50 -2.71
N THR C 78 20.86 -6.47 -2.52
CA THR C 78 21.78 -5.88 -3.53
C THR C 78 23.25 -6.09 -3.14
N SER C 79 24.17 -5.74 -4.03
CA SER C 79 25.63 -5.68 -3.77
C SER C 79 26.02 -4.32 -3.17
N ASP C 80 25.09 -3.36 -3.10
CA ASP C 80 25.31 -2.01 -2.49
C ASP C 80 25.81 -2.15 -1.06
N TYR C 81 25.32 -3.16 -0.34
CA TYR C 81 25.50 -3.29 1.13
C TYR C 81 26.88 -3.86 1.42
N GLY C 82 27.18 -5.05 0.90
CA GLY C 82 28.44 -5.76 1.19
C GLY C 82 28.67 -6.97 0.30
N SER C 83 29.87 -7.56 0.39
CA SER C 83 30.24 -8.89 -0.17
C SER C 83 29.50 -9.99 0.58
N PRO C 84 28.99 -11.02 -0.14
CA PRO C 84 28.21 -12.10 0.45
C PRO C 84 29.06 -13.08 1.27
N ILE C 85 28.89 -13.06 2.59
CA ILE C 85 29.75 -13.80 3.57
C ILE C 85 29.37 -15.29 3.52
N SER C 86 30.36 -16.17 3.33
CA SER C 86 30.16 -17.65 3.31
C SER C 86 31.08 -18.32 4.33
N ILE C 87 30.70 -19.54 4.71
CA ILE C 87 31.46 -20.41 5.64
C ILE C 87 31.41 -21.83 5.09
N ASN C 88 32.41 -22.64 5.43
CA ASN C 88 32.44 -24.09 5.15
C ASN C 88 32.08 -24.81 6.44
N TYR C 89 31.31 -25.90 6.33
CA TYR C 89 30.95 -26.76 7.49
C TYR C 89 30.69 -28.20 7.02
N ARG C 90 31.42 -29.16 7.61
CA ARG C 90 31.23 -30.63 7.47
C ARG C 90 30.27 -31.09 8.57
N THR C 91 29.18 -31.76 8.19
CA THR C 91 28.03 -32.17 9.06
C THR C 91 28.41 -33.36 9.94
N PRO D 5 -25.60 -7.92 0.73
CA PRO D 5 -25.76 -9.14 -0.12
C PRO D 5 -27.17 -9.77 -0.01
N THR D 6 -27.40 -10.87 -0.73
CA THR D 6 -28.66 -11.67 -0.75
C THR D 6 -28.32 -13.15 -1.00
N LYS D 7 -29.27 -14.06 -0.73
CA LYS D 7 -29.18 -15.51 -1.07
C LYS D 7 -28.06 -16.17 -0.27
N LEU D 8 -28.10 -16.03 1.06
CA LEU D 8 -27.20 -16.73 2.02
C LEU D 8 -27.71 -18.17 2.22
N GLU D 9 -27.11 -19.12 1.48
CA GLU D 9 -27.41 -20.57 1.54
C GLU D 9 -26.29 -21.26 2.31
N VAL D 10 -26.54 -22.47 2.82
CA VAL D 10 -25.47 -23.38 3.31
C VAL D 10 -25.31 -24.44 2.25
N VAL D 11 -24.39 -24.24 1.33
CA VAL D 11 -24.18 -25.14 0.14
C VAL D 11 -23.89 -26.57 0.62
N ALA D 12 -23.01 -26.72 1.63
CA ALA D 12 -22.56 -28.00 2.22
C ALA D 12 -22.39 -27.80 3.73
N ALA D 13 -22.47 -28.87 4.50
CA ALA D 13 -22.21 -28.88 5.95
C ALA D 13 -21.74 -30.27 6.38
N THR D 14 -20.76 -30.29 7.27
CA THR D 14 -20.39 -31.45 8.11
C THR D 14 -20.86 -31.11 9.53
N PRO D 15 -20.91 -32.10 10.45
CA PRO D 15 -21.25 -31.82 11.84
C PRO D 15 -20.52 -30.60 12.43
N THR D 16 -19.26 -30.36 12.02
CA THR D 16 -18.31 -29.37 12.63
C THR D 16 -18.04 -28.15 11.75
N SER D 17 -18.59 -28.06 10.54
CA SER D 17 -18.31 -26.91 9.62
C SER D 17 -19.43 -26.77 8.59
N LEU D 18 -19.66 -25.54 8.14
CA LEU D 18 -20.65 -25.20 7.08
C LEU D 18 -19.87 -24.50 5.98
N LEU D 19 -20.26 -24.74 4.74
CA LEU D 19 -19.85 -23.95 3.56
C LEU D 19 -21.05 -23.08 3.19
N ILE D 20 -20.93 -21.77 3.36
CA ILE D 20 -22.03 -20.82 3.01
C ILE D 20 -21.69 -20.15 1.68
N SER D 21 -22.71 -19.64 0.99
CA SER D 21 -22.58 -18.90 -0.28
C SER D 21 -23.70 -17.86 -0.37
N TRP D 22 -23.44 -16.72 -1.02
CA TRP D 22 -24.39 -15.58 -1.16
C TRP D 22 -24.29 -15.01 -2.59
N ASP D 23 -25.22 -14.10 -2.91
CA ASP D 23 -25.34 -13.32 -4.17
C ASP D 23 -24.69 -11.96 -3.93
N ALA D 24 -23.52 -11.72 -4.52
CA ALA D 24 -22.75 -10.46 -4.36
C ALA D 24 -23.54 -9.29 -4.99
N GLY D 25 -24.45 -9.58 -5.93
CA GLY D 25 -25.08 -8.60 -6.84
C GLY D 25 -24.53 -8.77 -8.25
N HIS D 26 -24.28 -7.68 -8.97
CA HIS D 26 -23.38 -7.67 -10.15
C HIS D 26 -22.74 -6.30 -10.14
N TRP D 27 -21.42 -6.25 -10.40
CA TRP D 27 -20.69 -5.09 -10.95
C TRP D 27 -20.71 -3.90 -9.96
N TRP D 28 -21.77 -3.10 -10.01
CA TRP D 28 -21.93 -1.84 -9.23
C TRP D 28 -22.15 -2.16 -7.73
N GLU D 29 -22.55 -3.38 -7.39
CA GLU D 29 -23.02 -3.78 -6.03
C GLU D 29 -21.91 -4.49 -5.27
N TRP D 30 -21.03 -5.16 -6.01
CA TRP D 30 -19.84 -5.84 -5.45
C TRP D 30 -19.16 -4.90 -4.47
N VAL D 31 -19.00 -5.35 -3.23
CA VAL D 31 -18.24 -4.64 -2.16
C VAL D 31 -16.87 -5.31 -2.05
N THR D 32 -15.91 -4.58 -1.49
CA THR D 32 -14.48 -4.96 -1.42
C THR D 32 -14.31 -6.06 -0.38
N TYR D 33 -15.12 -6.07 0.67
CA TYR D 33 -15.07 -7.14 1.67
C TYR D 33 -16.47 -7.43 2.19
N TYR D 34 -16.67 -8.70 2.58
CA TYR D 34 -17.81 -9.19 3.39
C TYR D 34 -17.28 -9.55 4.77
N ARG D 35 -18.10 -9.39 5.79
CA ARG D 35 -17.74 -9.70 7.19
C ARG D 35 -18.80 -10.67 7.69
N ILE D 36 -18.42 -11.93 7.89
CA ILE D 36 -19.32 -13.02 8.30
C ILE D 36 -19.13 -13.21 9.81
N THR D 37 -20.22 -13.34 10.56
CA THR D 37 -20.18 -13.66 12.01
C THR D 37 -21.08 -14.86 12.29
N TYR D 38 -20.63 -15.76 13.20
CA TYR D 38 -21.37 -17.00 13.57
C TYR D 38 -21.32 -17.23 15.09
N GLY D 39 -22.45 -17.67 15.67
CA GLY D 39 -22.53 -18.06 17.10
C GLY D 39 -23.70 -18.99 17.40
N GLU D 40 -23.73 -19.62 18.59
CA GLU D 40 -24.91 -20.39 19.05
C GLU D 40 -26.13 -19.48 19.01
N THR D 41 -27.23 -19.91 18.38
CA THR D 41 -28.52 -19.17 18.36
C THR D 41 -28.98 -18.87 19.79
N GLY D 42 -28.41 -19.51 20.82
CA GLY D 42 -28.87 -19.37 22.22
C GLY D 42 -27.89 -18.57 23.08
N GLY D 43 -27.19 -19.25 24.00
CA GLY D 43 -26.38 -18.68 25.11
C GLY D 43 -25.15 -17.93 24.64
N ASN D 44 -24.78 -18.12 23.36
CA ASN D 44 -23.88 -17.31 22.50
C ASN D 44 -22.55 -17.04 23.23
N SER D 45 -22.57 -16.15 24.23
CA SER D 45 -21.37 -15.59 24.90
C SER D 45 -20.86 -14.42 24.06
N PRO D 46 -19.79 -14.53 23.23
CA PRO D 46 -19.65 -13.65 22.08
C PRO D 46 -20.08 -14.39 20.80
N VAL D 47 -19.81 -13.79 19.64
CA VAL D 47 -19.84 -14.43 18.29
C VAL D 47 -18.41 -14.45 17.75
N GLN D 48 -18.01 -15.54 17.11
CA GLN D 48 -16.80 -15.57 16.26
C GLN D 48 -17.13 -14.76 15.00
N GLU D 49 -16.15 -14.03 14.48
CA GLU D 49 -16.32 -13.35 13.18
C GLU D 49 -15.04 -13.41 12.37
N PHE D 50 -15.18 -13.20 11.06
CA PHE D 50 -14.06 -13.08 10.10
C PHE D 50 -14.56 -12.31 8.89
N THR D 51 -13.64 -11.98 8.00
CA THR D 51 -13.90 -11.19 6.80
C THR D 51 -13.33 -11.95 5.60
N VAL D 52 -13.99 -11.86 4.46
CA VAL D 52 -13.59 -12.50 3.18
C VAL D 52 -13.53 -11.41 2.12
N PRO D 53 -12.63 -11.50 1.13
CA PRO D 53 -12.59 -10.47 0.08
C PRO D 53 -13.93 -10.45 -0.64
N GLY D 54 -14.28 -9.29 -1.17
CA GLY D 54 -15.59 -9.05 -1.79
C GLY D 54 -15.72 -9.72 -3.14
N TYR D 55 -14.62 -10.25 -3.69
CA TYR D 55 -14.63 -10.94 -5.00
C TYR D 55 -15.15 -12.36 -4.77
N SER D 56 -14.87 -12.92 -3.58
CA SER D 56 -15.37 -14.24 -3.14
C SER D 56 -16.82 -14.12 -2.66
N SER D 57 -17.67 -15.06 -3.08
CA SER D 57 -19.11 -15.17 -2.72
C SER D 57 -19.39 -16.43 -1.89
N THR D 58 -18.40 -17.27 -1.61
CA THR D 58 -18.55 -18.39 -0.64
C THR D 58 -17.76 -18.07 0.62
N ALA D 59 -17.99 -18.83 1.67
CA ALA D 59 -17.17 -18.80 2.90
C ALA D 59 -17.28 -20.14 3.62
N THR D 60 -16.27 -20.51 4.40
CA THR D 60 -16.27 -21.73 5.24
C THR D 60 -16.23 -21.40 6.74
N ILE D 61 -17.16 -21.95 7.50
CA ILE D 61 -17.19 -21.81 8.97
C ILE D 61 -16.85 -23.16 9.59
N SER D 62 -15.76 -23.20 10.35
CA SER D 62 -15.14 -24.43 10.93
C SER D 62 -15.11 -24.33 12.45
N GLY D 63 -14.92 -25.46 13.12
CA GLY D 63 -14.81 -25.57 14.59
C GLY D 63 -16.14 -25.43 15.29
N LEU D 64 -17.22 -25.85 14.62
CA LEU D 64 -18.59 -25.88 15.19
C LEU D 64 -18.80 -27.14 16.04
N LYS D 65 -19.57 -26.97 17.11
CA LYS D 65 -20.04 -28.09 17.98
C LYS D 65 -21.17 -28.78 17.22
N PRO D 66 -21.06 -30.11 16.97
CA PRO D 66 -22.10 -30.83 16.24
C PRO D 66 -23.40 -30.87 17.06
N GLY D 67 -24.54 -30.68 16.38
CA GLY D 67 -25.88 -30.75 16.98
C GLY D 67 -26.38 -29.38 17.44
N VAL D 68 -25.50 -28.38 17.59
CA VAL D 68 -25.88 -27.05 18.13
C VAL D 68 -26.40 -26.19 16.98
N ASP D 69 -27.51 -25.48 17.21
CA ASP D 69 -28.12 -24.51 16.27
C ASP D 69 -27.29 -23.21 16.31
N TYR D 70 -26.57 -22.94 15.22
CA TYR D 70 -25.73 -21.73 15.00
C TYR D 70 -26.48 -20.75 14.11
N THR D 71 -26.24 -19.45 14.31
CA THR D 71 -26.78 -18.36 13.46
C THR D 71 -25.60 -17.69 12.73
N ILE D 72 -25.72 -17.55 11.41
CA ILE D 72 -24.65 -16.97 10.54
C ILE D 72 -25.18 -15.68 9.91
N THR D 73 -24.41 -14.59 9.99
CA THR D 73 -24.79 -13.31 9.35
C THR D 73 -23.62 -12.80 8.50
N VAL D 74 -23.95 -12.19 7.35
CA VAL D 74 -22.99 -11.70 6.32
C VAL D 74 -23.21 -10.19 6.20
N TYR D 75 -22.25 -9.37 6.64
CA TYR D 75 -22.29 -7.89 6.51
C TYR D 75 -21.52 -7.42 5.27
N ALA D 76 -22.07 -6.37 4.67
CA ALA D 76 -21.36 -5.45 3.77
C ALA D 76 -20.43 -4.56 4.60
N PRO D 77 -19.49 -3.86 3.94
CA PRO D 77 -18.68 -2.85 4.61
C PRO D 77 -19.52 -1.85 5.44
N THR D 78 -20.59 -1.29 4.85
CA THR D 78 -21.45 -0.21 5.44
C THR D 78 -22.93 -0.58 5.32
N SER D 79 -23.79 0.14 6.04
CA SER D 79 -25.28 -0.07 6.06
C SER D 79 -25.88 0.21 4.68
N ASP D 80 -25.30 1.16 3.93
CA ASP D 80 -25.91 1.88 2.78
C ASP D 80 -25.99 1.00 1.53
N TYR D 81 -26.22 -0.31 1.65
CA TYR D 81 -26.06 -1.28 0.53
C TYR D 81 -27.38 -2.04 0.32
N GLY D 82 -27.67 -2.97 1.22
CA GLY D 82 -28.89 -3.81 1.22
C GLY D 82 -28.98 -4.68 2.46
N SER D 83 -28.67 -4.10 3.63
CA SER D 83 -28.85 -4.66 4.99
C SER D 83 -28.00 -5.92 5.19
N PRO D 84 -27.74 -6.34 6.45
CA PRO D 84 -27.21 -7.69 6.74
C PRO D 84 -28.13 -8.85 6.36
N ILE D 85 -27.54 -10.00 5.98
CA ILE D 85 -28.26 -11.29 5.72
C ILE D 85 -27.93 -12.25 6.86
N SER D 86 -28.94 -12.82 7.48
CA SER D 86 -28.79 -13.77 8.62
C SER D 86 -29.52 -15.07 8.31
N ILE D 87 -29.01 -16.18 8.84
CA ILE D 87 -29.69 -17.52 8.84
C ILE D 87 -29.41 -18.22 10.18
N ASN D 88 -30.26 -19.19 10.51
CA ASN D 88 -30.02 -20.21 11.56
C ASN D 88 -29.73 -21.53 10.85
N TYR D 89 -29.03 -22.45 11.51
CA TYR D 89 -28.64 -23.80 11.00
C TYR D 89 -28.11 -24.65 12.16
N ARG D 90 -28.74 -25.81 12.40
CA ARG D 90 -28.25 -26.84 13.34
C ARG D 90 -27.29 -27.75 12.57
N THR D 91 -26.11 -27.99 13.13
CA THR D 91 -24.97 -28.72 12.51
C THR D 91 -25.26 -30.24 12.49
#